data_2Y82
#
_entry.id   2Y82
#
_cell.length_a   56.693
_cell.length_b   72.212
_cell.length_c   78.759
_cell.angle_alpha   90.00
_cell.angle_beta   90.00
_cell.angle_gamma   90.00
#
_symmetry.space_group_name_H-M   'P 21 21 21'
#
loop_
_entity.id
_entity.type
_entity.pdbx_description
1 polymer 'ACTIVATED FACTOR XA HEAVY CHAIN'
2 polymer 'FACTOR X LIGHT CHAIN'
3 non-polymer 6-CHLORO-N-((3S)-2-OXO-1-{4-[(2S)-2-PYRROLIDINYL]PHENYL}-3-PYRROLIDINYL)-2-NAPHTHALENESULFONAMIDE
4 non-polymer 'CALCIUM ION'
5 non-polymer 'MAGNESIUM ION'
6 water water
#
loop_
_entity_poly.entity_id
_entity_poly.type
_entity_poly.pdbx_seq_one_letter_code
_entity_poly.pdbx_strand_id
1 'polypeptide(L)'
;IVGGQECKDGECPWQALLINEENEGFCGGTILSEFYILTAAHCLYQAKRFKVRVGDRNTEQEEGGEAVHEVEVVIKHNRF
TKETYDFDIAVLRLKTPITFRMNVAPACLPERDWAESTLMTQKTGIVSGFGRTHEKGRQSTRLKMLEVPYVDRNSCKLSS
SFIITQNMFCAGYDTKQEDACQGDSGGPHVTRFKDTYFVTGIVSWGEGCARKGKYGIYTKVTAFLKWIDRSMKTRGLPKA
KSHAPEVITSSPLK
;
A
2 'polypeptide(L)'
;EEMKKGHLERECMEETCSYEEAREVFEDSDKTNEFWNKYKDGDQCETSPCQNQGKCKDGLGEYTCTCLEGFEGKNCELFT
RKLCSLDNGDCDQFCHEEQNSVVCSCARGYTLADNGKACIPTGPYPCGKQTLER
;
B
#
loop_
_chem_comp.id
_chem_comp.type
_chem_comp.name
_chem_comp.formula
930 non-polymer 6-CHLORO-N-((3S)-2-OXO-1-{4-[(2S)-2-PYRROLIDINYL]PHENYL}-3-PYRROLIDINYL)-2-NAPHTHALENESULFONAMIDE 'C24 H23 Cl F N3 O3 S'
CA non-polymer 'CALCIUM ION' 'Ca 2'
MG non-polymer 'MAGNESIUM ION' 'Mg 2'
#
# COMPACT_ATOMS: atom_id res chain seq x y z
N ILE A 1 -8.97 -9.03 -6.17
CA ILE A 1 -8.04 -10.06 -5.63
C ILE A 1 -8.54 -11.46 -5.99
N VAL A 2 -7.69 -12.21 -6.69
CA VAL A 2 -7.94 -13.60 -7.08
C VAL A 2 -7.30 -14.47 -6.00
N GLY A 3 -8.07 -15.38 -5.41
CA GLY A 3 -7.60 -16.17 -4.29
C GLY A 3 -7.57 -15.29 -3.04
N GLY A 4 -6.63 -15.58 -2.14
CA GLY A 4 -6.53 -14.81 -0.91
C GLY A 4 -7.72 -15.02 0.00
N GLN A 5 -7.85 -14.13 0.97
CA GLN A 5 -8.92 -14.20 1.94
C GLN A 5 -9.58 -12.85 2.15
N GLU A 6 -10.78 -12.93 2.71
CA GLU A 6 -11.54 -11.80 3.12
C GLU A 6 -10.75 -11.05 4.21
N CYS A 7 -10.69 -9.72 4.11
CA CYS A 7 -10.15 -8.90 5.20
C CYS A 7 -11.19 -8.97 6.31
N LYS A 8 -10.82 -9.55 7.45
CA LYS A 8 -11.71 -9.66 8.60
C LYS A 8 -11.70 -8.34 9.37
N ASP A 9 -12.63 -8.19 10.31
CA ASP A 9 -12.80 -6.95 11.07
C ASP A 9 -11.48 -6.35 11.59
N GLY A 10 -11.18 -5.13 11.14
CA GLY A 10 -9.98 -4.39 11.57
C GLY A 10 -8.65 -4.86 11.00
N GLU A 11 -8.67 -5.77 10.03
CA GLU A 11 -7.43 -6.31 9.45
C GLU A 11 -6.77 -5.48 8.35
N CYS A 12 -7.56 -4.71 7.60
CA CYS A 12 -7.03 -3.91 6.50
C CYS A 12 -7.56 -2.46 6.62
N PRO A 13 -7.26 -1.80 7.76
CA PRO A 13 -7.86 -0.49 8.05
C PRO A 13 -7.34 0.68 7.19
N TRP A 14 -6.24 0.47 6.47
CA TRP A 14 -5.64 1.51 5.60
C TRP A 14 -6.23 1.51 4.20
N GLN A 15 -7.13 0.57 3.92
CA GLN A 15 -7.77 0.51 2.60
C GLN A 15 -8.68 1.68 2.33
N ALA A 16 -8.52 2.26 1.14
CA ALA A 16 -9.39 3.32 0.64
C ALA A 16 -9.93 2.78 -0.67
N LEU A 17 -11.11 3.26 -1.05
CA LEU A 17 -11.78 2.90 -2.30
C LEU A 17 -12.18 4.16 -3.02
N LEU A 18 -11.74 4.30 -4.27
CA LEU A 18 -12.15 5.46 -5.08
C LEU A 18 -13.43 5.04 -5.75
N ILE A 19 -14.47 5.85 -5.53
CA ILE A 19 -15.82 5.62 -6.01
C ILE A 19 -16.23 6.71 -7.00
N ASN A 20 -16.87 6.32 -8.09
CA ASN A 20 -17.31 7.30 -9.10
C ASN A 20 -18.70 7.91 -8.80
N GLU A 21 -19.24 8.62 -9.78
CA GLU A 21 -20.54 9.30 -9.66
C GLU A 21 -21.69 8.38 -9.26
N GLU A 22 -21.55 7.08 -9.59
CA GLU A 22 -22.59 6.12 -9.25
C GLU A 22 -22.25 5.23 -8.06
N ASN A 23 -21.46 5.75 -7.12
CA ASN A 23 -21.00 5.02 -5.91
C ASN A 23 -20.37 3.65 -6.15
N GLU A 24 -19.74 3.48 -7.30
CA GLU A 24 -19.07 2.24 -7.66
C GLU A 24 -17.56 2.38 -7.50
N GLY A 25 -16.95 1.40 -6.84
CA GLY A 25 -15.50 1.39 -6.68
C GLY A 25 -14.80 1.10 -8.00
N PHE A 26 -13.79 1.88 -8.34
CA PHE A 26 -13.05 1.62 -9.56
C PHE A 26 -11.56 1.42 -9.32
N CYS A 27 -11.07 1.89 -8.18
CA CYS A 27 -9.66 1.75 -7.80
C CYS A 27 -9.54 1.74 -6.29
N GLY A 28 -8.36 1.34 -5.81
CA GLY A 28 -8.04 1.32 -4.40
C GLY A 28 -7.18 2.54 -4.07
N GLY A 29 -6.80 2.64 -2.81
CA GLY A 29 -5.94 3.69 -2.31
C GLY A 29 -5.47 3.25 -0.94
N THR A 30 -4.44 3.91 -0.43
CA THR A 30 -3.91 3.65 0.90
C THR A 30 -4.02 4.92 1.74
N ILE A 31 -4.61 4.80 2.93
CA ILE A 31 -4.69 5.93 3.87
C ILE A 31 -3.28 6.16 4.40
N LEU A 32 -2.74 7.36 4.13
CA LEU A 32 -1.41 7.75 4.63
C LEU A 32 -1.47 8.59 5.90
N SER A 33 -2.57 9.33 6.05
CA SER A 33 -2.80 10.23 7.20
C SER A 33 -4.27 10.70 7.16
N GLU A 34 -4.64 11.62 8.07
CA GLU A 34 -6.04 12.07 8.10
C GLU A 34 -6.47 12.84 6.84
N PHE A 35 -5.51 13.46 6.16
CA PHE A 35 -5.80 14.24 4.93
C PHE A 35 -5.33 13.63 3.61
N TYR A 36 -4.54 12.57 3.66
CA TYR A 36 -3.92 12.05 2.42
C TYR A 36 -4.10 10.57 2.08
N ILE A 37 -4.41 10.35 0.81
CA ILE A 37 -4.58 9.02 0.23
C ILE A 37 -3.51 8.79 -0.87
N LEU A 38 -2.90 7.60 -0.88
CA LEU A 38 -1.95 7.21 -1.91
C LEU A 38 -2.70 6.35 -2.92
N THR A 39 -2.50 6.62 -4.20
CA THR A 39 -3.11 5.81 -5.25
C THR A 39 -2.24 5.79 -6.49
N ALA A 40 -2.70 5.12 -7.55
CA ALA A 40 -1.97 5.03 -8.80
C ALA A 40 -2.40 6.17 -9.72
N ALA A 41 -1.45 6.80 -10.40
CA ALA A 41 -1.74 7.87 -11.34
C ALA A 41 -2.74 7.41 -12.41
N HIS A 42 -2.60 6.18 -12.91
CA HIS A 42 -3.48 5.69 -14.00
C HIS A 42 -4.95 5.55 -13.62
N CYS A 43 -5.23 5.55 -12.31
CA CYS A 43 -6.60 5.53 -11.81
C CYS A 43 -7.31 6.87 -12.06
N LEU A 44 -6.54 7.95 -12.18
CA LEU A 44 -7.09 9.30 -12.36
C LEU A 44 -7.70 9.55 -13.75
N TYR A 45 -7.56 8.59 -14.66
CA TYR A 45 -8.14 8.70 -15.99
C TYR A 45 -9.44 7.87 -16.11
N GLN A 46 -9.70 7.05 -15.10
CA GLN A 46 -10.86 6.13 -15.07
C GLN A 46 -12.19 6.74 -14.58
N ALA A 47 -12.17 8.00 -14.16
CA ALA A 47 -13.40 8.66 -13.68
C ALA A 47 -13.30 10.17 -13.77
N LYS A 48 -14.35 10.76 -14.32
CA LYS A 48 -14.49 12.23 -14.44
C LYS A 48 -14.27 12.87 -13.06
N ARG A 49 -15.17 12.56 -12.12
CA ARG A 49 -15.07 13.03 -10.76
C ARG A 49 -15.24 11.81 -9.88
N PHE A 50 -14.59 11.82 -8.73
CA PHE A 50 -14.67 10.72 -7.78
C PHE A 50 -14.50 11.23 -6.35
N LYS A 51 -14.92 10.39 -5.41
CA LYS A 51 -14.76 10.64 -3.99
C LYS A 51 -13.98 9.44 -3.44
N VAL A 52 -13.63 9.50 -2.14
CA VAL A 52 -12.87 8.43 -1.48
C VAL A 52 -13.67 7.87 -0.32
N ARG A 53 -13.90 6.55 -0.34
CA ARG A 53 -14.58 5.87 0.76
C ARG A 53 -13.57 5.08 1.63
N VAL A 54 -13.71 5.22 2.94
CA VAL A 54 -12.88 4.52 3.93
C VAL A 54 -13.80 3.75 4.91
N GLY A 55 -13.23 2.80 5.65
CA GLY A 55 -13.98 2.01 6.63
C GLY A 55 -14.99 1.02 6.06
N ASP A 56 -14.87 0.73 4.77
CA ASP A 56 -15.80 -0.17 4.11
C ASP A 56 -15.19 -1.56 3.89
N ARG A 57 -15.91 -2.61 4.26
CA ARG A 57 -15.46 -3.99 4.01
C ARG A 57 -16.45 -4.78 3.14
N ASN A 58 -17.69 -4.30 3.09
CA ASN A 58 -18.77 -4.94 2.35
C ASN A 58 -19.59 -3.88 1.65
N THR A 59 -19.53 -3.82 0.32
CA THR A 59 -20.27 -2.77 -0.43
C THR A 59 -21.79 -2.96 -0.45
N GLU A 60 -22.26 -4.10 0.05
CA GLU A 60 -23.71 -4.37 0.07
C GLU A 60 -24.43 -3.89 1.33
N GLN A 61 -23.70 -3.64 2.42
CA GLN A 61 -24.33 -3.20 3.67
C GLN A 61 -23.74 -1.90 4.22
N GLU A 62 -24.37 -1.42 5.29
CA GLU A 62 -23.90 -0.27 6.05
C GLU A 62 -23.40 -0.85 7.37
N GLU A 63 -22.08 -0.94 7.50
CA GLU A 63 -21.44 -1.52 8.69
C GLU A 63 -21.27 -0.47 9.80
N GLY A 64 -21.74 0.75 9.53
CA GLY A 64 -21.69 1.87 10.47
C GLY A 64 -20.37 2.62 10.54
N GLY A 65 -19.30 2.03 10.00
CA GLY A 65 -17.98 2.67 10.04
C GLY A 65 -17.53 3.40 8.79
N GLU A 66 -18.34 3.30 7.73
CA GLU A 66 -18.02 3.93 6.42
C GLU A 66 -18.05 5.46 6.47
N ALA A 67 -17.21 6.09 5.65
CA ALA A 67 -17.19 7.54 5.54
C ALA A 67 -16.71 7.97 4.16
N VAL A 68 -17.50 8.81 3.49
CA VAL A 68 -17.15 9.33 2.17
C VAL A 68 -16.43 10.68 2.32
N HIS A 69 -15.35 10.83 1.56
CA HIS A 69 -14.55 12.06 1.57
C HIS A 69 -14.35 12.59 0.17
N GLU A 70 -14.57 13.88 0.01
CA GLU A 70 -14.36 14.54 -1.27
C GLU A 70 -12.91 14.93 -1.38
N VAL A 71 -12.40 14.93 -2.60
CA VAL A 71 -11.00 15.28 -2.87
C VAL A 71 -10.86 16.80 -3.04
N GLU A 72 -9.86 17.37 -2.37
CA GLU A 72 -9.56 18.79 -2.52
C GLU A 72 -8.47 19.02 -3.58
N VAL A 73 -7.42 18.20 -3.56
CA VAL A 73 -6.31 18.35 -4.48
C VAL A 73 -5.86 16.97 -4.97
N VAL A 74 -5.73 16.83 -6.29
CA VAL A 74 -5.18 15.62 -6.89
C VAL A 74 -3.75 15.95 -7.28
N ILE A 75 -2.79 15.22 -6.71
CA ILE A 75 -1.37 15.46 -7.00
C ILE A 75 -0.80 14.26 -7.77
N LYS A 76 -0.89 14.35 -9.11
CA LYS A 76 -0.40 13.31 -10.01
C LYS A 76 1.09 13.52 -10.24
N HIS A 77 1.85 12.44 -10.35
CA HIS A 77 3.27 12.57 -10.64
C HIS A 77 3.37 13.04 -12.10
N ASN A 78 4.07 14.16 -12.32
CA ASN A 78 4.19 14.75 -13.67
C ASN A 78 4.81 13.82 -14.72
N ARG A 79 5.75 12.98 -14.29
CA ARG A 79 6.45 12.06 -15.19
C ARG A 79 5.67 10.81 -15.55
N PHE A 80 4.46 10.66 -15.04
CA PHE A 80 3.66 9.50 -15.38
C PHE A 80 3.30 9.51 -16.87
N THR A 81 3.42 8.34 -17.53
CA THR A 81 3.01 8.17 -18.93
C THR A 81 2.24 6.86 -19.12
N LYS A 82 1.24 6.90 -19.97
CA LYS A 82 0.41 5.74 -20.28
C LYS A 82 1.16 4.68 -21.07
N GLU A 83 2.27 5.08 -21.70
CA GLU A 83 3.06 4.20 -22.57
C GLU A 83 3.76 3.05 -21.85
N THR A 84 4.27 3.34 -20.67
CA THR A 84 5.08 2.42 -19.90
C THR A 84 4.55 2.19 -18.48
N TYR A 85 3.64 3.06 -18.04
CA TYR A 85 3.13 3.05 -16.66
C TYR A 85 4.21 3.38 -15.64
N ASP A 86 5.29 4.03 -16.09
CA ASP A 86 6.37 4.44 -15.20
C ASP A 86 5.84 5.60 -14.37
N PHE A 87 6.35 5.75 -13.14
CA PHE A 87 5.87 6.78 -12.21
C PHE A 87 4.34 6.68 -11.95
N ASP A 88 3.84 5.46 -11.75
CA ASP A 88 2.39 5.25 -11.53
C ASP A 88 2.07 5.52 -10.06
N ILE A 89 1.96 6.82 -9.75
CA ILE A 89 1.75 7.29 -8.37
C ILE A 89 1.06 8.64 -8.34
N ALA A 90 0.13 8.77 -7.40
CA ALA A 90 -0.60 10.00 -7.16
C ALA A 90 -0.96 10.05 -5.68
N VAL A 91 -1.07 11.27 -5.16
CA VAL A 91 -1.46 11.51 -3.78
C VAL A 91 -2.70 12.42 -3.82
N LEU A 92 -3.68 12.13 -2.97
CA LEU A 92 -4.92 12.89 -2.88
C LEU A 92 -5.06 13.63 -1.57
N ARG A 93 -5.25 14.94 -1.60
CA ARG A 93 -5.54 15.67 -0.36
C ARG A 93 -7.06 15.75 -0.24
N LEU A 94 -7.59 15.34 0.91
CA LEU A 94 -9.02 15.36 1.14
C LEU A 94 -9.50 16.71 1.67
N LYS A 95 -10.77 17.05 1.42
CA LYS A 95 -11.36 18.28 1.94
C LYS A 95 -11.49 18.27 3.46
N THR A 96 -11.96 17.15 4.01
CA THR A 96 -12.14 17.00 5.44
C THR A 96 -11.26 15.85 5.97
N PRO A 97 -10.77 15.95 7.22
CA PRO A 97 -9.89 14.87 7.70
C PRO A 97 -10.63 13.54 7.95
N ILE A 98 -9.93 12.43 7.74
CA ILE A 98 -10.48 11.11 8.06
C ILE A 98 -10.48 10.95 9.57
N THR A 99 -11.57 10.40 10.12
CA THR A 99 -11.67 10.09 11.54
C THR A 99 -11.27 8.63 11.71
N PHE A 100 -10.12 8.38 12.34
CA PHE A 100 -9.67 7.02 12.53
C PHE A 100 -10.55 6.31 13.56
N ARG A 101 -10.78 5.02 13.36
CA ARG A 101 -11.66 4.22 14.20
C ARG A 101 -11.40 2.78 13.76
N MET A 102 -12.21 1.86 14.28
CA MET A 102 -12.16 0.46 13.88
C MET A 102 -12.30 0.49 12.36
N ASN A 103 -11.44 -0.26 11.68
CA ASN A 103 -11.42 -0.33 10.20
C ASN A 103 -10.97 0.92 9.44
N VAL A 104 -10.57 1.97 10.17
CA VAL A 104 -10.07 3.18 9.52
C VAL A 104 -8.80 3.65 10.23
N ALA A 105 -7.64 3.42 9.61
CA ALA A 105 -6.34 3.78 10.19
C ALA A 105 -5.28 3.92 9.09
N PRO A 106 -4.21 4.72 9.32
CA PRO A 106 -3.23 4.86 8.25
C PRO A 106 -2.16 3.77 8.28
N ALA A 107 -1.55 3.52 7.13
CA ALA A 107 -0.42 2.59 7.08
C ALA A 107 0.81 3.47 7.28
N CYS A 108 1.90 2.91 7.79
CA CYS A 108 3.09 3.73 8.01
C CYS A 108 3.92 3.91 6.74
N LEU A 109 4.53 5.10 6.60
CA LEU A 109 5.51 5.34 5.53
C LEU A 109 6.88 5.02 6.12
N PRO A 110 7.62 4.11 5.48
CA PRO A 110 8.94 3.77 6.03
C PRO A 110 10.03 4.75 5.54
N GLU A 111 11.26 4.54 6.00
CA GLU A 111 12.37 5.30 5.43
C GLU A 111 12.89 4.40 4.32
N ARG A 112 13.41 5.01 3.25
CA ARG A 112 13.87 4.31 2.05
C ARG A 112 14.93 3.24 2.27
N ASP A 113 16.08 3.64 2.78
CA ASP A 113 17.18 2.68 3.01
C ASP A 113 16.73 1.48 3.85
N TRP A 114 16.06 1.74 4.98
CA TRP A 114 15.62 0.63 5.83
C TRP A 114 14.58 -0.22 5.13
N ALA A 115 13.63 0.43 4.44
CA ALA A 115 12.59 -0.29 3.71
C ALA A 115 13.17 -1.24 2.66
N GLU A 116 14.15 -0.75 1.90
CA GLU A 116 14.79 -1.55 0.85
C GLU A 116 15.61 -2.72 1.38
N SER A 117 16.37 -2.49 2.45
CA SER A 117 17.16 -3.57 3.04
C SER A 117 16.38 -4.53 3.95
N THR A 118 15.36 -4.02 4.66
CA THR A 118 14.63 -4.85 5.65
C THR A 118 13.18 -5.24 5.30
N LEU A 119 12.45 -4.39 4.61
CA LEU A 119 11.07 -4.70 4.26
C LEU A 119 10.96 -5.47 2.95
N MET A 120 11.68 -5.01 1.95
CA MET A 120 11.59 -5.63 0.64
C MET A 120 12.40 -6.91 0.51
N THR A 121 13.12 -7.28 1.57
CA THR A 121 13.88 -8.51 1.63
C THR A 121 13.11 -9.55 2.46
N GLN A 122 11.95 -9.16 2.99
CA GLN A 122 11.03 -10.07 3.68
C GLN A 122 10.54 -11.00 2.56
N LYS A 123 9.99 -12.15 2.95
CA LYS A 123 9.50 -13.12 1.99
C LYS A 123 8.27 -12.66 1.24
N THR A 124 7.35 -12.02 1.96
CA THR A 124 6.08 -11.61 1.41
C THR A 124 5.64 -10.20 1.83
N GLY A 125 4.66 -9.71 1.08
CA GLY A 125 3.96 -8.46 1.35
C GLY A 125 2.49 -8.84 1.30
N ILE A 126 1.60 -7.87 1.54
CA ILE A 126 0.16 -8.11 1.53
C ILE A 126 -0.52 -7.09 0.64
N VAL A 127 -1.30 -7.58 -0.34
CA VAL A 127 -2.03 -6.70 -1.25
C VAL A 127 -3.51 -6.87 -0.93
N SER A 128 -4.29 -5.82 -1.11
CA SER A 128 -5.70 -5.88 -0.76
C SER A 128 -6.55 -5.05 -1.73
N GLY A 129 -7.85 -5.35 -1.78
CA GLY A 129 -8.78 -4.58 -2.60
C GLY A 129 -10.14 -5.21 -2.85
N PHE A 130 -11.01 -4.42 -3.49
CA PHE A 130 -12.36 -4.82 -3.88
C PHE A 130 -12.43 -5.25 -5.35
N GLY A 131 -11.27 -5.48 -5.97
CA GLY A 131 -11.20 -5.86 -7.38
C GLY A 131 -11.77 -7.23 -7.70
N ARG A 132 -11.76 -7.58 -8.98
CA ARG A 132 -12.28 -8.86 -9.46
C ARG A 132 -11.64 -10.06 -8.80
N THR A 133 -12.45 -11.10 -8.60
CA THR A 133 -11.99 -12.34 -7.98
C THR A 133 -11.49 -13.36 -9.02
N HIS A 134 -11.77 -13.07 -10.30
CA HIS A 134 -11.28 -13.85 -11.44
C HIS A 134 -10.99 -12.85 -12.57
N GLU A 135 -10.08 -13.19 -13.48
CA GLU A 135 -9.73 -12.27 -14.58
C GLU A 135 -11.00 -11.75 -15.28
N LYS A 136 -11.94 -12.65 -15.54
CA LYS A 136 -13.25 -12.26 -16.05
C LYS A 136 -14.22 -12.44 -14.87
N GLY A 137 -14.89 -11.37 -14.50
CA GLY A 137 -15.83 -11.40 -13.40
C GLY A 137 -16.20 -9.99 -13.01
N ARG A 138 -17.04 -9.86 -11.99
CA ARG A 138 -17.43 -8.56 -11.49
C ARG A 138 -16.54 -8.21 -10.29
N GLN A 139 -16.52 -6.94 -9.91
CA GLN A 139 -15.78 -6.47 -8.74
C GLN A 139 -16.27 -7.24 -7.52
N SER A 140 -15.37 -7.55 -6.59
CA SER A 140 -15.74 -8.21 -5.35
C SER A 140 -16.57 -7.25 -4.48
N THR A 141 -17.61 -7.74 -3.82
CA THR A 141 -18.36 -6.87 -2.90
C THR A 141 -17.70 -6.89 -1.51
N ARG A 142 -16.81 -7.85 -1.28
CA ARG A 142 -16.09 -7.94 0.00
C ARG A 142 -14.63 -7.54 -0.18
N LEU A 143 -14.09 -6.81 0.79
CA LEU A 143 -12.69 -6.43 0.79
C LEU A 143 -11.84 -7.67 1.01
N LYS A 144 -10.87 -7.88 0.13
CA LYS A 144 -10.00 -9.04 0.25
C LYS A 144 -8.52 -8.66 0.41
N MET A 145 -7.75 -9.58 0.98
CA MET A 145 -6.29 -9.40 1.11
C MET A 145 -5.61 -10.68 0.63
N LEU A 146 -4.36 -10.55 0.22
CA LEU A 146 -3.61 -11.67 -0.28
C LEU A 146 -2.14 -11.48 0.05
N GLU A 147 -1.55 -12.53 0.61
CA GLU A 147 -0.12 -12.57 0.87
C GLU A 147 0.56 -12.87 -0.46
N VAL A 148 1.48 -11.98 -0.88
CA VAL A 148 2.18 -12.14 -2.15
C VAL A 148 3.70 -12.11 -1.97
N PRO A 149 4.39 -13.18 -2.44
CA PRO A 149 5.84 -13.20 -2.30
C PRO A 149 6.53 -12.11 -3.11
N TYR A 150 7.58 -11.55 -2.56
CA TYR A 150 8.45 -10.66 -3.32
C TYR A 150 9.13 -11.54 -4.38
N VAL A 151 9.21 -11.03 -5.59
CA VAL A 151 9.81 -11.77 -6.68
C VAL A 151 11.18 -11.21 -7.03
N ASP A 152 12.16 -12.11 -7.10
CA ASP A 152 13.51 -11.78 -7.58
C ASP A 152 13.38 -10.83 -8.76
N ARG A 153 14.13 -9.72 -8.75
CA ARG A 153 14.08 -8.73 -9.81
C ARG A 153 14.43 -9.29 -11.21
N ASN A 154 15.48 -10.10 -11.27
CA ASN A 154 15.88 -10.74 -12.53
C ASN A 154 14.76 -11.63 -13.11
N SER A 155 14.17 -12.48 -12.26
CA SER A 155 13.09 -13.36 -12.70
C SER A 155 11.93 -12.55 -13.24
N CYS A 156 11.63 -11.45 -12.59
CA CYS A 156 10.53 -10.62 -13.05
C CYS A 156 10.76 -9.99 -14.42
N LYS A 157 11.97 -9.50 -14.66
CA LYS A 157 12.29 -8.93 -15.96
C LYS A 157 12.14 -9.98 -17.04
N LEU A 158 12.64 -11.19 -16.77
CA LEU A 158 12.52 -12.29 -17.72
C LEU A 158 11.07 -12.64 -18.08
N SER A 159 10.19 -12.64 -17.09
CA SER A 159 8.78 -13.01 -17.29
C SER A 159 7.94 -11.96 -18.01
N SER A 160 8.39 -10.72 -17.98
CA SER A 160 7.62 -9.60 -18.48
C SER A 160 7.79 -9.30 -19.97
N SER A 161 6.66 -9.14 -20.65
CA SER A 161 6.65 -8.76 -22.05
C SER A 161 6.96 -7.26 -22.17
N PHE A 162 6.76 -6.52 -21.06
CA PHE A 162 6.98 -5.08 -21.03
C PHE A 162 8.12 -4.68 -20.09
N ILE A 163 8.70 -3.51 -20.30
CA ILE A 163 9.85 -3.07 -19.49
C ILE A 163 9.48 -2.84 -18.02
N ILE A 164 10.24 -3.47 -17.12
CA ILE A 164 10.08 -3.25 -15.69
C ILE A 164 11.09 -2.20 -15.28
N THR A 165 10.61 -0.97 -15.07
CA THR A 165 11.47 0.15 -14.72
C THR A 165 11.90 0.09 -13.26
N GLN A 166 12.81 0.97 -12.87
CA GLN A 166 13.27 1.00 -11.48
C GLN A 166 12.27 1.51 -10.46
N ASN A 167 11.15 2.05 -10.95
CA ASN A 167 10.07 2.51 -10.11
C ASN A 167 8.98 1.43 -9.95
N MET A 168 9.34 0.21 -10.31
CA MET A 168 8.40 -0.90 -10.23
C MET A 168 9.07 -2.12 -9.59
N PHE A 169 8.25 -2.99 -9.00
CA PHE A 169 8.71 -4.30 -8.53
C PHE A 169 7.61 -5.30 -8.75
N CYS A 170 7.94 -6.57 -8.57
CA CYS A 170 7.01 -7.64 -8.85
C CYS A 170 6.75 -8.48 -7.63
N ALA A 171 5.51 -8.94 -7.52
CA ALA A 171 5.11 -9.78 -6.40
C ALA A 171 3.99 -10.70 -6.82
N GLY A 172 3.91 -11.84 -6.15
CA GLY A 172 2.90 -12.81 -6.46
C GLY A 172 3.51 -14.17 -6.75
N TYR A 173 2.86 -14.90 -7.66
CA TYR A 173 3.20 -16.29 -7.96
C TYR A 173 3.37 -16.59 -9.44
N ASP A 174 4.30 -17.52 -9.70
CA ASP A 174 4.58 -18.00 -11.03
C ASP A 174 3.33 -18.70 -11.56
N THR A 175 2.94 -19.80 -10.92
CA THR A 175 1.76 -20.56 -11.39
C THR A 175 0.55 -20.55 -10.45
N LYS A 176 0.78 -20.52 -9.13
CA LYS A 176 -0.32 -20.52 -8.15
C LYS A 176 -1.30 -19.41 -8.54
N GLN A 177 -2.59 -19.73 -8.50
CA GLN A 177 -3.66 -18.85 -8.98
C GLN A 177 -4.14 -17.75 -8.00
N GLU A 178 -3.21 -16.86 -7.64
CA GLU A 178 -3.47 -15.76 -6.71
C GLU A 178 -2.75 -14.53 -7.23
N ASP A 179 -3.42 -13.38 -7.17
CA ASP A 179 -2.89 -12.13 -7.71
C ASP A 179 -3.90 -11.02 -7.45
N ALA A 180 -3.49 -9.78 -7.68
CA ALA A 180 -4.41 -8.64 -7.69
C ALA A 180 -5.09 -8.75 -9.06
N CYS A 181 -6.10 -7.91 -9.31
CA CYS A 181 -6.83 -7.95 -10.58
C CYS A 181 -7.54 -6.61 -10.85
N GLN A 182 -8.41 -6.56 -11.86
CA GLN A 182 -9.10 -5.29 -12.18
C GLN A 182 -9.89 -4.71 -11.02
N GLY A 183 -9.69 -3.42 -10.76
CA GLY A 183 -10.33 -2.72 -9.66
C GLY A 183 -9.42 -2.62 -8.44
N ASP A 184 -8.34 -3.41 -8.41
CA ASP A 184 -7.39 -3.36 -7.30
C ASP A 184 -6.34 -2.23 -7.43
N SER A 185 -6.17 -1.74 -8.65
CA SER A 185 -5.25 -0.66 -8.98
C SER A 185 -5.34 0.52 -8.01
N GLY A 186 -4.17 1.05 -7.64
CA GLY A 186 -4.09 2.14 -6.70
C GLY A 186 -4.07 1.68 -5.25
N GLY A 187 -4.47 0.43 -5.03
CA GLY A 187 -4.56 -0.14 -3.70
C GLY A 187 -3.24 -0.40 -2.97
N PRO A 188 -3.35 -0.77 -1.67
CA PRO A 188 -2.19 -1.00 -0.81
C PRO A 188 -1.40 -2.26 -1.10
N HIS A 189 -0.08 -2.11 -1.16
CA HIS A 189 0.83 -3.24 -0.99
C HIS A 189 1.57 -2.82 0.27
N VAL A 190 1.38 -3.56 1.35
CA VAL A 190 2.05 -3.28 2.62
C VAL A 190 2.92 -4.47 3.04
N THR A 191 3.92 -4.20 3.88
CA THR A 191 4.80 -5.26 4.37
C THR A 191 4.79 -5.18 5.88
N ARG A 192 4.62 -6.33 6.51
CA ARG A 192 4.56 -6.44 7.95
C ARG A 192 5.96 -6.58 8.56
N PHE A 193 6.21 -5.84 9.64
CA PHE A 193 7.45 -5.97 10.41
C PHE A 193 7.13 -5.79 11.90
N LYS A 194 7.30 -6.87 12.66
CA LYS A 194 6.97 -6.86 14.11
C LYS A 194 5.58 -6.26 14.40
N ASP A 195 4.57 -6.76 13.70
CA ASP A 195 3.18 -6.31 13.90
C ASP A 195 2.85 -4.89 13.45
N THR A 196 3.77 -4.26 12.70
CA THR A 196 3.52 -2.94 12.17
C THR A 196 3.58 -3.05 10.64
N TYR A 197 2.53 -2.55 9.99
CA TYR A 197 2.40 -2.59 8.53
C TYR A 197 2.88 -1.29 7.88
N PHE A 198 3.85 -1.43 6.97
CA PHE A 198 4.40 -0.27 6.25
C PHE A 198 4.01 -0.33 4.79
N VAL A 199 3.64 0.80 4.20
CA VAL A 199 3.32 0.81 2.77
C VAL A 199 4.58 0.61 1.90
N THR A 200 4.53 -0.38 1.02
CA THR A 200 5.66 -0.73 0.17
C THR A 200 5.38 -0.67 -1.33
N GLY A 201 4.11 -0.67 -1.72
CA GLY A 201 3.77 -0.62 -3.14
C GLY A 201 2.36 -0.12 -3.41
N ILE A 202 2.09 0.11 -4.68
CA ILE A 202 0.79 0.52 -5.14
C ILE A 202 0.46 -0.47 -6.26
N VAL A 203 -0.73 -1.08 -6.22
CA VAL A 203 -1.17 -2.01 -7.25
C VAL A 203 -1.12 -1.23 -8.60
N SER A 204 -0.25 -1.66 -9.52
CA SER A 204 -0.10 -0.93 -10.78
C SER A 204 -0.69 -1.63 -12.00
N TRP A 205 -0.09 -2.76 -12.39
CA TRP A 205 -0.55 -3.48 -13.59
C TRP A 205 -0.13 -4.95 -13.61
N GLY A 206 -0.67 -5.68 -14.57
CA GLY A 206 -0.35 -7.09 -14.75
C GLY A 206 -0.85 -7.50 -16.12
N GLU A 207 -0.21 -8.50 -16.71
CA GLU A 207 -0.62 -9.03 -18.00
C GLU A 207 -1.70 -10.06 -17.67
N GLY A 208 -2.93 -9.56 -17.58
CA GLY A 208 -4.05 -10.36 -17.08
C GLY A 208 -3.96 -10.43 -15.55
N CYS A 209 -4.60 -11.45 -14.97
CA CYS A 209 -4.59 -11.66 -13.53
C CYS A 209 -4.27 -13.13 -13.25
N ALA A 210 -3.30 -13.36 -12.38
CA ALA A 210 -2.89 -14.69 -11.93
C ALA A 210 -2.52 -15.67 -13.05
N ARG A 211 -1.97 -15.16 -14.16
CA ARG A 211 -1.53 -16.02 -15.24
C ARG A 211 -0.20 -16.71 -14.92
N LYS A 212 -0.06 -17.92 -15.45
CA LYS A 212 1.17 -18.70 -15.28
C LYS A 212 2.33 -17.97 -15.95
N GLY A 213 3.45 -17.89 -15.25
CA GLY A 213 4.62 -17.21 -15.77
C GLY A 213 4.56 -15.69 -15.67
N LYS A 214 3.49 -15.16 -15.09
CA LYS A 214 3.35 -13.71 -14.91
C LYS A 214 3.15 -13.36 -13.43
N TYR A 215 3.59 -12.14 -13.08
CA TYR A 215 3.51 -11.62 -11.71
C TYR A 215 2.72 -10.30 -11.67
N GLY A 216 2.41 -9.84 -10.46
CA GLY A 216 1.74 -8.55 -10.26
C GLY A 216 2.83 -7.48 -10.30
N ILE A 217 2.56 -6.37 -10.97
CA ILE A 217 3.53 -5.28 -11.03
C ILE A 217 3.04 -4.11 -10.16
N TYR A 218 3.92 -3.65 -9.28
CA TYR A 218 3.59 -2.63 -8.28
C TYR A 218 4.54 -1.44 -8.36
N THR A 219 4.03 -0.24 -8.07
CA THR A 219 4.88 0.93 -8.01
C THR A 219 5.78 0.76 -6.76
N LYS A 220 7.09 0.94 -6.92
CA LYS A 220 8.03 0.83 -5.83
C LYS A 220 7.91 2.10 -4.99
N VAL A 221 7.14 2.04 -3.91
CA VAL A 221 6.91 3.20 -3.05
C VAL A 221 8.21 3.82 -2.51
N THR A 222 9.20 2.98 -2.20
CA THR A 222 10.47 3.46 -1.65
C THR A 222 11.18 4.46 -2.58
N ALA A 223 10.91 4.39 -3.88
CA ALA A 223 11.53 5.29 -4.85
C ALA A 223 10.88 6.69 -4.86
N PHE A 224 9.70 6.80 -4.25
CA PHE A 224 8.95 8.03 -4.23
C PHE A 224 8.71 8.61 -2.85
N LEU A 225 9.46 8.14 -1.86
CA LEU A 225 9.28 8.59 -0.47
C LEU A 225 9.44 10.09 -0.27
N LYS A 226 10.48 10.68 -0.86
CA LYS A 226 10.68 12.15 -0.77
C LYS A 226 9.55 12.88 -1.48
N TRP A 227 9.17 12.41 -2.66
CA TRP A 227 8.08 12.98 -3.43
C TRP A 227 6.77 12.94 -2.63
N ILE A 228 6.51 11.81 -1.97
CA ILE A 228 5.31 11.70 -1.15
C ILE A 228 5.37 12.73 -0.04
N ASP A 229 6.52 12.86 0.62
CA ASP A 229 6.72 13.86 1.67
C ASP A 229 6.47 15.29 1.20
N ARG A 230 7.05 15.67 0.06
CA ARG A 230 6.83 17.00 -0.52
C ARG A 230 5.36 17.17 -0.81
N SER A 231 4.74 16.16 -1.42
CA SER A 231 3.33 16.20 -1.79
C SER A 231 2.39 16.40 -0.60
N MET A 232 2.77 15.87 0.57
CA MET A 232 1.95 15.98 1.77
C MET A 232 2.13 17.33 2.47
N LYS A 233 3.30 17.95 2.32
CA LYS A 233 3.58 19.24 2.95
C LYS A 233 2.75 20.41 2.38
N THR A 234 2.20 20.20 1.18
CA THR A 234 1.30 21.16 0.53
C THR A 234 0.39 20.40 -0.45
N ARG A 235 0.80 19.98 -1.54
N ARG B 81 26.76 -11.08 9.93
CA ARG B 81 25.71 -10.10 10.27
C ARG B 81 26.08 -9.33 11.54
N LYS B 82 26.08 -8.00 11.42
CA LYS B 82 26.37 -7.12 12.57
C LYS B 82 25.42 -5.91 12.57
N LEU B 83 25.41 -5.18 13.69
CA LEU B 83 24.59 -3.98 13.88
C LEU B 83 23.18 -4.14 13.29
N CYS B 84 22.79 -3.22 12.40
CA CYS B 84 21.46 -3.27 11.77
C CYS B 84 21.17 -4.55 10.99
N SER B 85 22.21 -5.26 10.55
CA SER B 85 21.99 -6.55 9.88
C SER B 85 21.73 -7.67 10.88
N LEU B 86 22.03 -7.42 12.15
CA LEU B 86 21.81 -8.42 13.19
C LEU B 86 20.45 -8.15 13.83
N ASP B 87 19.46 -8.90 13.38
CA ASP B 87 18.07 -8.81 13.87
C ASP B 87 17.60 -7.35 13.97
N ASN B 88 17.74 -6.62 12.87
CA ASN B 88 17.34 -5.22 12.81
C ASN B 88 17.95 -4.36 13.96
N GLY B 89 19.07 -4.83 14.52
CA GLY B 89 19.76 -4.11 15.60
C GLY B 89 18.93 -4.05 16.89
N ASP B 90 17.97 -4.95 17.00
CA ASP B 90 17.05 -5.04 18.16
C ASP B 90 16.03 -3.87 18.19
N CYS B 91 15.96 -3.10 17.10
CA CYS B 91 15.02 -1.97 17.00
C CYS B 91 13.62 -2.45 16.64
N ASP B 92 12.60 -1.72 17.08
CA ASP B 92 11.23 -2.02 16.69
C ASP B 92 10.95 -1.70 15.22
N GLN B 93 11.49 -0.56 14.78
CA GLN B 93 11.21 -0.10 13.43
C GLN B 93 12.51 0.21 12.69
N PHE B 94 12.72 1.48 12.33
CA PHE B 94 13.89 1.88 11.54
C PHE B 94 15.21 1.66 12.27
N CYS B 95 16.19 1.11 11.56
CA CYS B 95 17.54 0.92 12.12
C CYS B 95 18.60 1.60 11.23
N HIS B 96 19.40 2.50 11.83
CA HIS B 96 20.51 3.19 11.18
C HIS B 96 21.80 2.88 11.91
N GLU B 97 22.90 2.91 11.18
CA GLU B 97 24.23 2.70 11.74
C GLU B 97 25.01 4.01 11.69
N GLU B 98 24.90 4.81 12.76
CA GLU B 98 25.60 6.10 12.87
C GLU B 98 26.88 5.83 13.67
N GLN B 99 28.03 6.04 13.01
CA GLN B 99 29.35 5.63 13.52
C GLN B 99 29.31 4.09 13.46
N ASN B 100 30.00 3.39 14.36
CA ASN B 100 29.91 1.93 14.32
C ASN B 100 28.88 1.45 15.35
N SER B 101 27.75 2.17 15.39
CA SER B 101 26.71 1.96 16.40
C SER B 101 25.27 2.00 15.84
N VAL B 102 24.40 1.15 16.40
CA VAL B 102 22.98 1.12 16.04
C VAL B 102 22.24 2.34 16.58
N VAL B 103 21.42 2.96 15.74
CA VAL B 103 20.54 4.06 16.15
C VAL B 103 19.12 3.74 15.61
N CYS B 104 18.17 3.56 16.53
CA CYS B 104 16.80 3.22 16.17
C CYS B 104 15.94 4.47 16.11
N SER B 105 14.93 4.44 15.26
CA SER B 105 13.96 5.52 15.20
C SER B 105 12.59 4.91 14.82
N CYS B 106 11.57 5.76 14.80
CA CYS B 106 10.21 5.29 14.58
C CYS B 106 9.49 6.20 13.59
N ALA B 107 8.43 5.66 12.98
CA ALA B 107 7.57 6.40 12.07
C ALA B 107 6.78 7.48 12.84
N ARG B 108 6.24 8.45 12.09
CA ARG B 108 5.44 9.55 12.65
C ARG B 108 4.27 9.00 13.45
N GLY B 109 4.06 9.55 14.63
CA GLY B 109 2.99 9.08 15.50
C GLY B 109 3.49 8.10 16.55
N TYR B 110 4.79 7.85 16.55
CA TYR B 110 5.45 7.00 17.55
C TYR B 110 6.62 7.77 18.17
N THR B 111 6.85 7.55 19.46
CA THR B 111 8.03 8.14 20.12
C THR B 111 8.95 6.98 20.49
N LEU B 112 10.25 7.19 20.33
CA LEU B 112 11.23 6.18 20.70
C LEU B 112 11.22 6.00 22.23
N ALA B 113 11.09 4.76 22.70
CA ALA B 113 11.05 4.50 24.15
C ALA B 113 12.38 4.80 24.83
N ASP B 114 12.36 4.86 26.17
CA ASP B 114 13.56 5.14 26.99
C ASP B 114 14.73 4.23 26.66
N ASN B 115 14.46 2.97 26.33
CA ASN B 115 15.53 2.04 25.96
C ASN B 115 16.15 2.32 24.58
N GLY B 116 15.60 3.31 23.89
CA GLY B 116 16.09 3.68 22.55
C GLY B 116 15.89 2.61 21.50
N LYS B 117 14.93 1.72 21.70
CA LYS B 117 14.72 0.64 20.75
C LYS B 117 13.27 0.46 20.34
N ALA B 118 12.38 0.47 21.33
CA ALA B 118 10.96 0.25 21.13
C ALA B 118 10.28 1.50 20.62
N CYS B 119 9.17 1.31 19.94
CA CYS B 119 8.43 2.45 19.41
C CYS B 119 7.10 2.48 20.13
N ILE B 120 6.78 3.62 20.74
CA ILE B 120 5.56 3.78 21.52
C ILE B 120 4.56 4.72 20.82
N PRO B 121 3.31 4.26 20.62
CA PRO B 121 2.30 5.11 19.98
C PRO B 121 2.01 6.34 20.83
N THR B 122 2.05 7.52 20.22
CA THR B 122 1.82 8.80 20.93
C THR B 122 0.35 9.05 21.26
N GLY B 123 -0.54 8.54 20.43
CA GLY B 123 -1.97 8.73 20.62
C GLY B 123 -2.70 7.57 19.99
N PRO B 124 -4.04 7.68 19.88
CA PRO B 124 -4.85 6.59 19.34
C PRO B 124 -4.67 6.44 17.82
N TYR B 125 -4.94 5.23 17.34
CA TYR B 125 -4.81 4.85 15.93
C TYR B 125 -3.44 5.17 15.28
N PRO B 126 -2.36 4.64 15.88
CA PRO B 126 -1.02 4.82 15.31
C PRO B 126 -0.95 4.13 13.94
N CYS B 127 -0.15 4.64 13.01
CA CYS B 127 -0.04 4.03 11.69
C CYS B 127 0.41 2.57 11.79
N GLY B 128 -0.01 1.79 10.80
CA GLY B 128 0.47 0.41 10.68
C GLY B 128 -0.07 -0.61 11.64
N LYS B 129 -1.02 -0.23 12.50
CA LYS B 129 -1.63 -1.18 13.45
C LYS B 129 -3.04 -1.58 13.03
N GLN B 130 -3.28 -2.88 12.91
CA GLN B 130 -4.62 -3.37 12.65
C GLN B 130 -5.49 -2.92 13.83
N THR B 131 -6.76 -2.61 13.59
CA THR B 131 -7.64 -2.11 14.66
C THR B 131 -8.36 -3.19 15.48
N LEU B 132 -8.21 -3.12 16.80
CA LEU B 132 -8.85 -4.03 17.80
C LEU B 132 -8.74 -5.53 17.52
N GLU B 133 -9.55 -6.29 18.05
F2 930 C . -2.29 -2.05 -17.91
C21 930 C . -1.37 -2.80 -18.52
C15 930 C . -1.61 -4.15 -18.78
C22 930 C . -0.58 -4.87 -19.40
C26 930 C . 0.62 -4.25 -19.74
C27 930 C . 0.84 -2.90 -19.46
C28 930 C . 2.15 -2.25 -19.87
C7 930 C . 2.52 -1.06 -18.97
C11 930 C . 2.04 0.18 -19.75
C8 930 C . 1.64 -0.34 -21.14
N4 930 C . 2.11 -1.72 -21.24
C24 930 C . -0.18 -2.17 -18.85
N2 930 C . -2.83 -4.82 -18.45
C50 930 C . -3.44 -4.73 -17.24
O3 930 C . -3.11 -4.03 -16.31
C12 930 C . -4.64 -5.69 -17.22
C13 930 C . -4.90 -5.92 -18.70
C14 930 C . -3.55 -5.69 -19.37
N1 930 C . -5.78 -5.12 -16.51
S1 930 C . -6.36 -5.75 -15.14
O2 930 C . -7.35 -4.79 -14.78
O1 930 C . -6.72 -7.12 -15.28
C6 930 C . -5.12 -5.64 -13.88
C16 930 C . -4.87 -4.36 -13.37
C18 930 C . -3.91 -4.22 -12.36
C17 930 C . -3.24 -5.36 -11.88
C4 930 C . -3.50 -6.64 -12.42
C5 930 C . -4.48 -6.77 -13.43
C9 930 C . -2.28 -5.21 -10.89
C1 930 C . -1.62 -6.34 -10.41
CL1 930 C . -0.45 -6.07 -9.15
C2 930 C . -1.87 -7.63 -10.92
C3 930 C . -2.82 -7.78 -11.91
CA CA D . -20.42 -1.28 3.73
MG MG E . 1.47 -15.98 -12.17
#